data_6RK0
#
_entry.id   6RK0
#
_cell.length_a   48.970
_cell.length_b   89.870
_cell.length_c   59.030
_cell.angle_alpha   90.00
_cell.angle_beta   109.06
_cell.angle_gamma   90.00
#
_symmetry.space_group_name_H-M   'P 1 21 1'
#
loop_
_entity.id
_entity.type
_entity.pdbx_description
1 polymer 'Uncharacterized protein'
2 non-polymer 'PROTOPORPHYRIN IX CONTAINING FE'
3 non-polymer 'SULFATE ION'
4 non-polymer 'FLAVIN-ADENINE DINUCLEOTIDE'
5 water water
#
_entity_poly.entity_id   1
_entity_poly.type   'polypeptide(L)'
_entity_poly.pdbx_seq_one_letter_code
;GSMTNRTDDEYPEAPSDRTHVKRYHWLARYDQETVKAILDATPLAHVGCMMNGVPFVTPTFFWREGDRVYWHGSSAGRLF
KALEHQDICLTVSLLDGLVIARSAYNFNCNFRSVMLLGRAELISDEAVKAEKLRNFVDGLIPGEWERLRPVHAKEIEATA
VASLSIAEASCKVRTGPPLDDEEDYAFPSWAGVIPIRYQVLPPEPDPRNLPDVPMPEDILKFRLG
;
_entity_poly.pdbx_strand_id   A,B
#
loop_
_chem_comp.id
_chem_comp.type
_chem_comp.name
_chem_comp.formula
FAD non-polymer 'FLAVIN-ADENINE DINUCLEOTIDE' 'C27 H33 N9 O15 P2'
HEM non-polymer 'PROTOPORPHYRIN IX CONTAINING FE' 'C34 H32 Fe N4 O4'
SO4 non-polymer 'SULFATE ION' 'O4 S -2'
#
# COMPACT_ATOMS: atom_id res chain seq x y z
N PRO A 12 25.86 -3.10 6.09
CA PRO A 12 25.66 -2.85 7.52
C PRO A 12 24.63 -3.80 8.14
N GLU A 13 24.71 -4.00 9.46
CA GLU A 13 23.68 -4.77 10.16
C GLU A 13 22.50 -3.86 10.50
N ALA A 14 21.50 -4.43 11.17
CA ALA A 14 20.33 -3.63 11.47
C ALA A 14 20.70 -2.48 12.41
N PRO A 15 20.04 -1.33 12.28
CA PRO A 15 20.35 -0.19 13.16
C PRO A 15 19.84 -0.35 14.58
N SER A 16 18.94 -1.30 14.83
CA SER A 16 18.42 -1.55 16.16
C SER A 16 17.92 -2.99 16.23
N ASP A 17 17.72 -3.50 17.46
CA ASP A 17 17.13 -4.83 17.57
C ASP A 17 15.76 -4.88 16.93
N ARG A 18 14.96 -3.82 17.08
CA ARG A 18 13.59 -3.92 16.59
C ARG A 18 13.48 -3.78 15.08
N THR A 19 14.56 -3.43 14.39
CA THR A 19 14.61 -3.42 12.94
C THR A 19 15.39 -4.58 12.35
N HIS A 20 15.73 -5.58 13.16
CA HIS A 20 16.51 -6.72 12.66
C HIS A 20 15.60 -7.71 11.93
N VAL A 21 15.78 -7.83 10.62
CA VAL A 21 15.01 -8.78 9.81
C VAL A 21 15.43 -10.18 10.20
N LYS A 22 14.44 -11.01 10.56
CA LYS A 22 14.66 -12.41 10.95
C LYS A 22 14.26 -13.33 9.79
N ARG A 23 12.99 -13.28 9.40
CA ARG A 23 12.55 -14.20 8.35
C ARG A 23 13.09 -13.76 7.00
N TYR A 24 13.53 -14.72 6.19
CA TYR A 24 14.07 -14.39 4.87
C TYR A 24 15.12 -13.28 4.98
N HIS A 25 16.01 -13.44 5.99
CA HIS A 25 16.97 -12.38 6.30
C HIS A 25 17.94 -12.12 5.16
N TRP A 26 18.14 -13.07 4.26
CA TRP A 26 18.99 -12.86 3.10
C TRP A 26 18.44 -11.78 2.17
N LEU A 27 17.17 -11.40 2.30
CA LEU A 27 16.59 -10.32 1.50
C LEU A 27 16.74 -8.95 2.14
N ALA A 28 17.26 -8.89 3.36
CA ALA A 28 17.33 -7.64 4.10
C ALA A 28 18.40 -6.73 3.52
N ARG A 29 18.12 -5.42 3.55
CA ARG A 29 19.10 -4.38 3.24
C ARG A 29 18.92 -3.28 4.26
N TYR A 30 20.04 -2.79 4.80
CA TYR A 30 20.03 -1.72 5.78
C TYR A 30 20.77 -0.48 5.31
N ASP A 31 21.47 -0.58 4.17
CA ASP A 31 22.24 0.55 3.68
C ASP A 31 21.32 1.70 3.30
N GLN A 32 21.77 2.91 3.64
CA GLN A 32 20.93 4.08 3.39
C GLN A 32 20.73 4.33 1.89
N GLU A 33 21.62 3.87 1.01
CA GLU A 33 21.37 4.01 -0.42
C GLU A 33 20.09 3.27 -0.82
N THR A 34 19.91 2.06 -0.31
CA THR A 34 18.68 1.31 -0.62
C THR A 34 17.45 1.95 0.03
N VAL A 35 17.58 2.37 1.28
CA VAL A 35 16.46 3.05 1.95
C VAL A 35 15.98 4.21 1.10
N LYS A 36 16.93 5.09 0.74
CA LYS A 36 16.57 6.27 -0.05
C LYS A 36 16.02 5.90 -1.42
N ALA A 37 16.57 4.88 -2.06
CA ALA A 37 16.10 4.51 -3.40
C ALA A 37 14.66 4.02 -3.36
N ILE A 38 14.27 3.29 -2.31
CA ILE A 38 12.88 2.86 -2.22
C ILE A 38 11.97 4.03 -1.90
N LEU A 39 12.37 4.86 -0.92
CA LEU A 39 11.56 6.01 -0.56
C LEU A 39 11.39 6.96 -1.74
N ASP A 40 12.40 7.09 -2.59
CA ASP A 40 12.35 8.04 -3.68
C ASP A 40 11.53 7.53 -4.86
N ALA A 41 11.18 6.25 -4.88
CA ALA A 41 10.51 5.63 -6.02
C ALA A 41 9.00 5.80 -6.02
N THR A 42 8.40 6.25 -4.92
CA THR A 42 6.95 6.19 -4.77
C THR A 42 6.50 7.24 -3.77
N PRO A 43 5.29 7.77 -3.93
CA PRO A 43 4.75 8.72 -2.95
C PRO A 43 3.90 8.08 -1.89
N LEU A 44 3.59 6.77 -1.98
CA LEU A 44 2.55 6.19 -1.13
C LEU A 44 3.13 5.38 0.03
N ALA A 45 2.81 5.83 1.26
CA ALA A 45 3.19 5.14 2.50
C ALA A 45 1.94 4.66 3.23
N HIS A 46 2.19 3.82 4.24
CA HIS A 46 1.17 3.37 5.16
C HIS A 46 1.72 3.56 6.57
N VAL A 47 1.06 4.40 7.36
CA VAL A 47 1.54 4.77 8.69
C VAL A 47 0.75 4.02 9.74
N GLY A 48 1.46 3.34 10.64
CA GLY A 48 0.84 2.60 11.75
C GLY A 48 0.89 3.46 13.00
N CYS A 49 -0.25 3.56 13.68
CA CYS A 49 -0.35 4.40 14.87
C CYS A 49 -1.49 3.86 15.71
N MET A 50 -1.24 3.67 17.01
CA MET A 50 -2.29 3.23 17.93
C MET A 50 -3.22 4.39 18.25
N MET A 51 -4.48 4.27 17.86
CA MET A 51 -5.51 5.28 18.07
C MET A 51 -6.81 4.58 18.40
N ASN A 52 -7.50 5.06 19.43
CA ASN A 52 -8.78 4.47 19.78
C ASN A 52 -8.68 2.96 19.98
N GLY A 53 -7.58 2.51 20.56
CA GLY A 53 -7.39 1.12 20.90
C GLY A 53 -7.02 0.20 19.76
N VAL A 54 -6.73 0.74 18.56
CA VAL A 54 -6.41 -0.08 17.39
C VAL A 54 -5.12 0.41 16.76
N PRO A 55 -4.24 -0.52 16.31
CA PRO A 55 -3.06 -0.12 15.51
C PRO A 55 -3.51 0.15 14.07
N PHE A 56 -4.11 1.33 13.88
CA PHE A 56 -4.58 1.73 12.58
C PHE A 56 -3.46 1.85 11.57
N VAL A 57 -3.81 1.57 10.31
CA VAL A 57 -2.90 1.71 9.18
C VAL A 57 -3.48 2.75 8.22
N THR A 58 -2.85 3.93 8.19
CA THR A 58 -3.36 5.04 7.40
C THR A 58 -2.57 5.19 6.12
N PRO A 59 -3.18 5.05 4.95
CA PRO A 59 -2.47 5.36 3.70
C PRO A 59 -2.27 6.86 3.59
N THR A 60 -1.08 7.28 3.14
CA THR A 60 -0.83 8.71 3.00
C THR A 60 0.30 8.93 2.02
N PHE A 61 0.35 10.13 1.46
N PHE A 61 0.32 10.11 1.40
CA PHE A 61 1.53 10.50 0.69
CA PHE A 61 1.49 10.52 0.62
C PHE A 61 2.68 10.89 1.60
C PHE A 61 2.64 10.90 1.57
N PHE A 62 3.88 10.81 1.05
CA PHE A 62 5.04 11.29 1.80
C PHE A 62 6.08 11.78 0.84
N TRP A 63 7.02 12.57 1.38
CA TRP A 63 8.16 13.01 0.60
C TRP A 63 9.41 12.97 1.47
N ARG A 64 10.57 12.83 0.84
CA ARG A 64 11.83 12.77 1.56
C ARG A 64 12.60 14.06 1.34
N GLU A 65 13.18 14.59 2.41
CA GLU A 65 14.19 15.65 2.32
C GLU A 65 15.39 15.18 3.14
N GLY A 66 16.47 14.82 2.45
CA GLY A 66 17.65 14.37 3.19
C GLY A 66 17.32 13.16 4.04
N ASP A 67 17.61 13.25 5.34
CA ASP A 67 17.48 12.13 6.23
C ASP A 67 16.15 12.06 6.98
N ARG A 68 15.10 12.72 6.47
CA ARG A 68 13.77 12.62 7.06
C ARG A 68 12.73 12.49 5.96
N VAL A 69 11.62 11.83 6.30
CA VAL A 69 10.43 11.83 5.47
C VAL A 69 9.35 12.64 6.15
N TYR A 70 8.45 13.17 5.34
CA TYR A 70 7.42 14.10 5.76
C TYR A 70 6.07 13.65 5.21
N TRP A 71 5.00 13.97 5.94
CA TRP A 71 3.64 13.77 5.46
C TRP A 71 2.77 14.87 6.05
N HIS A 72 1.58 15.05 5.48
CA HIS A 72 0.73 16.18 5.83
C HIS A 72 -0.72 15.72 6.01
N GLY A 73 -1.50 16.58 6.67
CA GLY A 73 -2.93 16.35 6.82
C GLY A 73 -3.52 17.49 7.61
N SER A 74 -4.61 17.26 8.31
CA SER A 74 -5.25 18.34 9.05
C SER A 74 -4.51 18.68 10.34
N SER A 75 -4.39 19.98 10.64
CA SER A 75 -3.89 20.36 11.94
C SER A 75 -4.70 19.77 13.08
N ALA A 76 -5.96 19.42 12.83
CA ALA A 76 -6.83 18.83 13.84
C ALA A 76 -6.92 17.32 13.72
N GLY A 77 -6.10 16.72 12.87
CA GLY A 77 -6.26 15.30 12.59
C GLY A 77 -5.77 14.44 13.74
N ARG A 78 -6.47 13.34 13.95
CA ARG A 78 -6.12 12.47 15.09
C ARG A 78 -4.73 11.89 14.97
N LEU A 79 -4.23 11.61 13.76
CA LEU A 79 -2.90 11.02 13.63
C LEU A 79 -1.85 11.98 14.19
N PHE A 80 -2.00 13.26 13.86
CA PHE A 80 -1.01 14.26 14.23
C PHE A 80 -0.99 14.50 15.72
N LYS A 81 -2.12 14.36 16.39
CA LYS A 81 -2.12 14.36 17.85
C LYS A 81 -1.47 13.10 18.43
N ALA A 82 -1.80 11.95 17.87
CA ALA A 82 -1.34 10.70 18.46
C ALA A 82 0.15 10.47 18.28
N LEU A 83 0.74 10.97 17.21
CA LEU A 83 2.14 10.62 16.94
C LEU A 83 3.10 11.29 17.92
N GLU A 84 2.67 12.31 18.65
CA GLU A 84 3.62 12.98 19.52
C GLU A 84 4.04 12.12 20.71
N HIS A 85 3.27 11.11 21.05
CA HIS A 85 3.47 10.37 22.29
C HIS A 85 3.69 8.87 22.09
N GLN A 86 4.01 8.43 20.88
CA GLN A 86 4.28 7.01 20.66
C GLN A 86 5.22 6.85 19.48
N ASP A 87 6.00 5.78 19.52
CA ASP A 87 6.80 5.38 18.37
C ASP A 87 5.87 4.71 17.35
N ILE A 88 6.04 5.11 16.09
CA ILE A 88 5.23 4.62 14.97
C ILE A 88 6.07 3.77 14.02
N CYS A 89 5.36 3.18 13.05
CA CYS A 89 5.98 2.50 11.92
C CYS A 89 5.44 3.16 10.66
N LEU A 90 6.33 3.57 9.77
CA LEU A 90 5.94 4.07 8.45
C LEU A 90 6.49 3.07 7.44
N THR A 91 5.59 2.40 6.72
CA THR A 91 5.95 1.39 5.75
C THR A 91 5.72 1.90 4.34
N VAL A 92 6.67 1.64 3.45
CA VAL A 92 6.55 1.96 2.05
C VAL A 92 6.80 0.68 1.29
N SER A 93 5.80 0.24 0.51
CA SER A 93 5.90 -0.99 -0.25
C SER A 93 5.71 -0.71 -1.74
N LEU A 94 6.41 -1.49 -2.56
CA LEU A 94 6.22 -1.56 -4.02
C LEU A 94 6.15 -3.02 -4.42
N LEU A 95 5.05 -3.40 -5.06
CA LEU A 95 4.87 -4.73 -5.63
C LEU A 95 5.41 -4.73 -7.06
N ASP A 96 6.38 -5.61 -7.33
CA ASP A 96 7.11 -5.60 -8.59
C ASP A 96 6.86 -6.83 -9.48
N GLY A 97 6.23 -7.89 -8.96
CA GLY A 97 5.92 -9.03 -9.82
C GLY A 97 5.33 -10.15 -9.00
N LEU A 98 4.62 -11.05 -9.69
CA LEU A 98 4.15 -12.31 -9.12
C LEU A 98 5.12 -13.41 -9.54
N VAL A 99 5.64 -14.16 -8.55
CA VAL A 99 6.64 -15.19 -8.78
C VAL A 99 5.94 -16.55 -8.73
N ILE A 100 5.92 -17.22 -9.90
CA ILE A 100 5.23 -18.48 -10.12
C ILE A 100 6.27 -19.59 -10.06
N ALA A 101 6.18 -20.42 -9.04
CA ALA A 101 7.12 -21.50 -8.80
C ALA A 101 6.49 -22.85 -9.16
N ARG A 102 7.31 -23.91 -9.13
CA ARG A 102 6.86 -25.27 -9.38
C ARG A 102 6.05 -25.84 -8.23
N SER A 103 6.27 -25.35 -7.01
CA SER A 103 5.45 -25.72 -5.86
C SER A 103 4.74 -24.49 -5.34
N ALA A 104 3.53 -24.70 -4.81
CA ALA A 104 2.76 -23.61 -4.23
C ALA A 104 3.53 -22.92 -3.11
N TYR A 105 4.22 -23.72 -2.28
CA TYR A 105 4.94 -23.21 -1.13
C TYR A 105 5.98 -22.18 -1.54
N ASN A 106 6.57 -22.29 -2.73
CA ASN A 106 7.58 -21.35 -3.18
C ASN A 106 7.06 -20.28 -4.15
N PHE A 107 5.74 -20.13 -4.30
CA PHE A 107 5.25 -18.91 -4.94
C PHE A 107 5.70 -17.71 -4.11
N ASN A 108 5.78 -16.55 -4.76
CA ASN A 108 6.32 -15.42 -4.05
C ASN A 108 5.97 -14.16 -4.80
N CYS A 109 6.58 -13.05 -4.43
N CYS A 109 6.57 -13.05 -4.39
CA CYS A 109 6.45 -11.85 -5.23
CA CYS A 109 6.44 -11.78 -5.08
C CYS A 109 7.78 -11.11 -5.19
C CYS A 109 7.82 -11.15 -5.20
N ASN A 110 8.06 -10.41 -6.28
CA ASN A 110 9.17 -9.46 -6.29
C ASN A 110 8.64 -8.16 -5.75
N PHE A 111 9.49 -7.46 -5.00
CA PHE A 111 9.01 -6.29 -4.25
C PHE A 111 10.21 -5.51 -3.73
N ARG A 112 9.90 -4.30 -3.29
CA ARG A 112 10.79 -3.47 -2.47
C ARG A 112 9.97 -2.97 -1.31
N SER A 113 10.49 -3.05 -0.08
CA SER A 113 9.77 -2.47 1.05
C SER A 113 10.73 -1.94 2.08
N VAL A 114 10.31 -0.86 2.72
N VAL A 114 10.32 -0.83 2.71
CA VAL A 114 11.07 -0.26 3.81
CA VAL A 114 11.05 -0.18 3.80
C VAL A 114 10.13 0.06 4.95
C VAL A 114 10.09 0.02 4.96
N MET A 115 10.60 -0.18 6.18
CA MET A 115 9.91 0.21 7.40
C MET A 115 10.83 1.20 8.11
N LEU A 116 10.28 2.35 8.45
CA LEU A 116 10.93 3.38 9.26
C LEU A 116 10.26 3.41 10.62
N LEU A 117 11.06 3.33 11.68
CA LEU A 117 10.52 3.30 13.03
C LEU A 117 10.97 4.52 13.81
N GLY A 118 10.15 4.93 14.76
CA GLY A 118 10.60 5.90 15.75
C GLY A 118 9.57 6.95 16.05
N ARG A 119 10.06 8.05 16.63
CA ARG A 119 9.19 9.09 17.13
C ARG A 119 9.16 10.21 16.11
N ALA A 120 8.00 10.41 15.50
CA ALA A 120 7.81 11.50 14.56
C ALA A 120 7.66 12.81 15.32
N GLU A 121 7.82 13.90 14.58
CA GLU A 121 7.80 15.25 15.12
C GLU A 121 6.91 16.13 14.27
N LEU A 122 6.11 16.98 14.90
CA LEU A 122 5.30 17.94 14.15
C LEU A 122 6.09 19.22 13.89
N ILE A 123 5.82 19.83 12.74
CA ILE A 123 6.39 21.15 12.46
C ILE A 123 5.44 22.19 13.03
N SER A 124 5.87 22.90 14.06
CA SER A 124 5.03 23.95 14.64
C SER A 124 5.29 25.33 14.05
N ASP A 125 6.45 25.51 13.43
CA ASP A 125 6.82 26.78 12.82
C ASP A 125 6.12 26.91 11.46
N GLU A 126 5.20 27.88 11.35
CA GLU A 126 4.36 27.96 10.15
C GLU A 126 5.17 28.26 8.89
N ALA A 127 6.24 29.04 9.01
CA ALA A 127 7.05 29.38 7.85
C ALA A 127 7.80 28.15 7.36
N VAL A 128 8.34 27.34 8.29
CA VAL A 128 8.99 26.10 7.90
C VAL A 128 7.99 25.15 7.26
N LYS A 129 6.80 25.06 7.83
CA LYS A 129 5.78 24.18 7.28
C LYS A 129 5.46 24.55 5.84
N ALA A 130 5.32 25.85 5.55
CA ALA A 130 5.01 26.28 4.19
C ALA A 130 6.14 25.93 3.23
N GLU A 131 7.37 26.07 3.70
CA GLU A 131 8.50 25.69 2.87
C GLU A 131 8.46 24.20 2.54
N LYS A 132 8.17 23.36 3.54
CA LYS A 132 8.13 21.91 3.31
C LYS A 132 6.99 21.53 2.35
N LEU A 133 5.82 22.18 2.50
CA LEU A 133 4.70 21.88 1.59
C LEU A 133 5.03 22.24 0.16
N ARG A 134 5.74 23.35 -0.07
N ARG A 134 5.75 23.35 -0.05
CA ARG A 134 6.15 23.65 -1.44
CA ARG A 134 6.17 23.68 -1.40
C ARG A 134 7.11 22.59 -1.97
C ARG A 134 7.11 22.60 -1.96
N ASN A 135 8.02 22.08 -1.12
CA ASN A 135 8.91 21.01 -1.56
C ASN A 135 8.11 19.78 -1.95
N PHE A 136 7.05 19.47 -1.20
CA PHE A 136 6.20 18.32 -1.54
C PHE A 136 5.61 18.48 -2.93
N VAL A 137 4.95 19.61 -3.18
CA VAL A 137 4.28 19.80 -4.46
C VAL A 137 5.28 19.78 -5.60
N ASP A 138 6.37 20.52 -5.47
CA ASP A 138 7.33 20.59 -6.57
C ASP A 138 8.14 19.33 -6.74
N GLY A 139 8.15 18.46 -5.71
CA GLY A 139 8.73 17.14 -5.86
C GLY A 139 7.87 16.21 -6.70
N LEU A 140 6.58 16.45 -6.76
CA LEU A 140 5.69 15.69 -7.65
C LEU A 140 5.70 16.27 -9.05
N ILE A 141 5.58 17.60 -9.16
CA ILE A 141 5.50 18.27 -10.47
C ILE A 141 6.46 19.44 -10.41
N PRO A 142 7.58 19.42 -11.16
CA PRO A 142 8.52 20.53 -11.07
C PRO A 142 7.85 21.85 -11.42
N GLY A 143 8.18 22.88 -10.63
CA GLY A 143 7.74 24.24 -10.88
C GLY A 143 6.26 24.49 -10.62
N GLU A 144 5.52 23.52 -10.07
CA GLU A 144 4.09 23.64 -10.03
C GLU A 144 3.61 24.66 -9.00
N TRP A 145 4.23 24.73 -7.82
CA TRP A 145 3.71 25.57 -6.73
C TRP A 145 3.54 27.02 -7.19
N GLU A 146 4.52 27.53 -7.95
CA GLU A 146 4.55 28.88 -8.49
C GLU A 146 3.39 29.18 -9.42
N ARG A 147 2.87 28.15 -10.10
CA ARG A 147 1.78 28.32 -11.06
C ARG A 147 0.43 28.51 -10.40
N LEU A 148 0.28 28.14 -9.14
CA LEU A 148 -1.02 27.99 -8.50
C LEU A 148 -1.53 29.31 -7.96
N ARG A 149 -2.81 29.33 -7.65
CA ARG A 149 -3.42 30.47 -6.95
C ARG A 149 -2.65 30.67 -5.65
N PRO A 150 -2.08 31.84 -5.38
CA PRO A 150 -1.16 31.94 -4.24
C PRO A 150 -1.79 31.50 -2.92
N VAL A 151 -1.03 30.71 -2.16
CA VAL A 151 -1.55 30.08 -0.94
C VAL A 151 -2.02 31.13 0.07
N HIS A 152 -3.08 30.80 0.79
CA HIS A 152 -3.60 31.65 1.87
C HIS A 152 -2.99 31.25 3.19
N ALA A 153 -2.73 32.22 4.07
CA ALA A 153 -2.24 31.89 5.39
C ALA A 153 -3.12 30.90 6.11
N LYS A 154 -4.43 31.04 5.97
CA LYS A 154 -5.33 30.11 6.67
C LYS A 154 -5.17 28.67 6.18
N GLU A 155 -4.82 28.48 4.89
CA GLU A 155 -4.59 27.16 4.36
C GLU A 155 -3.37 26.52 5.02
N ILE A 156 -2.27 27.27 5.13
CA ILE A 156 -1.08 26.77 5.82
C ILE A 156 -1.42 26.41 7.25
N GLU A 157 -2.13 27.31 7.95
CA GLU A 157 -2.38 27.09 9.36
C GLU A 157 -3.32 25.91 9.63
N ALA A 158 -4.14 25.54 8.66
CA ALA A 158 -5.05 24.41 8.79
C ALA A 158 -4.36 23.08 8.56
N THR A 159 -3.08 23.09 8.19
CA THR A 159 -2.35 21.88 7.77
C THR A 159 -1.35 21.49 8.84
N ALA A 160 -1.25 20.19 9.11
CA ALA A 160 -0.17 19.63 9.91
C ALA A 160 0.87 19.03 8.95
N VAL A 161 2.15 19.15 9.34
CA VAL A 161 3.21 18.41 8.69
C VAL A 161 4.00 17.70 9.77
N ALA A 162 4.17 16.39 9.60
CA ALA A 162 4.98 15.58 10.50
C ALA A 162 6.20 15.07 9.75
N SER A 163 7.24 14.73 10.50
CA SER A 163 8.41 14.11 9.90
C SER A 163 8.99 13.03 10.80
N LEU A 164 9.73 12.13 10.17
CA LEU A 164 10.34 11.01 10.84
C LEU A 164 11.71 10.78 10.23
N SER A 165 12.71 10.57 11.08
CA SER A 165 14.04 10.19 10.61
C SER A 165 13.98 8.90 9.81
N ILE A 166 14.85 8.82 8.79
CA ILE A 166 15.00 7.58 8.04
C ILE A 166 16.04 6.67 8.65
N ALA A 167 16.66 7.04 9.78
CA ALA A 167 17.80 6.29 10.27
C ALA A 167 17.45 4.89 10.77
N GLU A 168 16.32 4.74 11.47
CA GLU A 168 15.99 3.44 12.06
C GLU A 168 15.11 2.70 11.06
N ALA A 169 15.78 2.15 10.05
CA ALA A 169 15.10 1.60 8.87
C ALA A 169 15.56 0.20 8.56
N SER A 170 14.61 -0.63 8.14
CA SER A 170 14.90 -1.94 7.56
C SER A 170 14.27 -2.00 6.18
N CYS A 171 14.99 -2.62 5.23
CA CYS A 171 14.42 -2.91 3.93
C CYS A 171 14.43 -4.40 3.66
N LYS A 172 13.50 -4.86 2.82
CA LYS A 172 13.58 -6.16 2.19
C LYS A 172 13.32 -5.94 0.72
N VAL A 173 14.09 -6.65 -0.11
CA VAL A 173 13.98 -6.57 -1.57
C VAL A 173 14.06 -7.96 -2.14
N ARG A 174 13.16 -8.29 -3.05
CA ARG A 174 13.27 -9.50 -3.86
C ARG A 174 13.18 -9.12 -5.31
N THR A 175 14.09 -9.70 -6.11
CA THR A 175 14.09 -9.58 -7.55
C THR A 175 14.31 -10.96 -8.16
N GLY A 176 14.07 -11.06 -9.47
CA GLY A 176 14.52 -12.21 -10.25
C GLY A 176 13.56 -13.38 -10.25
N PRO A 177 14.05 -14.52 -10.77
CA PRO A 177 13.18 -15.67 -11.03
C PRO A 177 12.75 -16.37 -9.76
N PRO A 178 11.85 -17.35 -9.91
CA PRO A 178 11.48 -18.23 -8.79
C PRO A 178 12.70 -19.00 -8.30
N LEU A 179 12.60 -19.40 -7.02
CA LEU A 179 13.61 -20.26 -6.37
C LEU A 179 12.89 -21.47 -5.77
N ASP A 180 12.87 -22.56 -6.52
CA ASP A 180 12.24 -23.79 -6.08
C ASP A 180 13.22 -24.63 -5.26
N ASP A 181 12.66 -25.56 -4.50
CA ASP A 181 13.48 -26.62 -3.92
C ASP A 181 14.22 -27.31 -5.05
N GLU A 182 15.50 -27.64 -4.82
CA GLU A 182 16.31 -28.20 -5.90
C GLU A 182 15.73 -29.51 -6.43
N GLU A 183 15.08 -30.28 -5.55
CA GLU A 183 14.53 -31.54 -6.03
C GLU A 183 13.31 -31.37 -6.91
N ASP A 184 12.75 -30.16 -7.08
CA ASP A 184 11.56 -29.96 -7.88
C ASP A 184 11.83 -29.59 -9.32
N TYR A 185 13.09 -29.44 -9.72
CA TYR A 185 13.39 -28.95 -11.06
C TYR A 185 13.11 -29.95 -12.18
N ALA A 186 12.83 -31.21 -11.88
CA ALA A 186 12.38 -32.12 -12.93
C ALA A 186 10.85 -32.16 -13.05
N PHE A 187 10.12 -31.44 -12.17
CA PHE A 187 8.69 -31.51 -12.20
C PHE A 187 8.15 -30.69 -13.38
N PRO A 188 7.25 -31.25 -14.19
CA PRO A 188 6.85 -30.54 -15.44
C PRO A 188 5.75 -29.50 -15.19
N SER A 189 6.17 -28.35 -14.66
CA SER A 189 5.29 -27.21 -14.52
C SER A 189 6.07 -25.94 -14.91
N TRP A 190 5.35 -24.96 -15.44
CA TRP A 190 5.95 -23.73 -15.94
C TRP A 190 6.16 -22.76 -14.79
N ALA A 191 7.37 -22.24 -14.65
CA ALA A 191 7.70 -21.27 -13.63
C ALA A 191 8.13 -19.98 -14.31
N GLY A 192 8.04 -18.88 -13.58
CA GLY A 192 8.43 -17.61 -14.16
C GLY A 192 7.89 -16.46 -13.31
N VAL A 193 7.89 -15.28 -13.92
CA VAL A 193 7.50 -14.06 -13.19
C VAL A 193 6.54 -13.28 -14.07
N ILE A 194 5.49 -12.75 -13.45
CA ILE A 194 4.61 -11.79 -14.11
C ILE A 194 5.01 -10.41 -13.58
N PRO A 195 5.69 -9.58 -14.35
CA PRO A 195 6.07 -8.26 -13.83
C PRO A 195 4.85 -7.39 -13.61
N ILE A 196 4.95 -6.54 -12.57
CA ILE A 196 3.88 -5.60 -12.17
C ILE A 196 4.56 -4.25 -11.97
N ARG A 197 3.92 -3.17 -12.41
CA ARG A 197 4.43 -1.84 -12.12
C ARG A 197 3.28 -0.85 -12.12
N TYR A 198 3.54 0.32 -11.53
CA TYR A 198 2.63 1.44 -11.75
C TYR A 198 2.80 1.99 -13.16
N GLN A 199 1.68 2.45 -13.71
CA GLN A 199 1.62 3.15 -15.00
C GLN A 199 0.88 4.46 -14.80
N VAL A 200 1.43 5.50 -15.40
CA VAL A 200 0.81 6.80 -15.41
C VAL A 200 0.23 7.02 -16.79
N LEU A 201 -1.01 7.48 -16.87
CA LEU A 201 -1.68 7.70 -18.15
C LEU A 201 -1.65 9.18 -18.49
N PRO A 202 -2.00 9.56 -19.73
CA PRO A 202 -1.99 10.97 -20.11
C PRO A 202 -2.91 11.79 -19.22
N PRO A 203 -2.53 13.02 -18.91
CA PRO A 203 -3.38 13.86 -18.05
C PRO A 203 -4.71 14.18 -18.68
N GLU A 204 -5.71 14.30 -17.82
CA GLU A 204 -7.07 14.60 -18.23
C GLU A 204 -7.46 15.97 -17.70
N PRO A 205 -7.69 16.94 -18.58
CA PRO A 205 -7.96 18.30 -18.09
C PRO A 205 -9.31 18.40 -17.39
N ASP A 206 -9.34 19.27 -16.39
CA ASP A 206 -10.63 19.64 -15.79
C ASP A 206 -11.44 20.37 -16.86
N PRO A 207 -12.67 19.96 -17.13
CA PRO A 207 -13.52 20.70 -18.09
C PRO A 207 -13.69 22.15 -17.73
N ARG A 208 -13.59 22.50 -16.44
CA ARG A 208 -13.75 23.87 -15.99
C ARG A 208 -12.49 24.71 -16.14
N ASN A 209 -11.42 24.15 -16.71
CA ASN A 209 -10.26 24.98 -17.01
C ASN A 209 -10.67 26.15 -17.90
N LEU A 210 -10.03 27.29 -17.68
CA LEU A 210 -10.21 28.42 -18.56
C LEU A 210 -9.71 28.05 -19.95
N PRO A 211 -10.36 28.53 -20.99
CA PRO A 211 -10.03 28.05 -22.34
C PRO A 211 -8.63 28.38 -22.81
N ASP A 212 -8.00 29.44 -22.32
CA ASP A 212 -6.69 29.79 -22.89
C ASP A 212 -5.50 29.40 -22.02
N VAL A 213 -5.69 28.45 -21.12
CA VAL A 213 -4.68 28.10 -20.13
C VAL A 213 -4.14 26.73 -20.50
N PRO A 214 -2.93 26.64 -21.03
CA PRO A 214 -2.43 25.34 -21.47
C PRO A 214 -1.86 24.51 -20.32
N MET A 215 -1.76 23.22 -20.57
CA MET A 215 -1.16 22.32 -19.59
C MET A 215 0.34 22.54 -19.54
N PRO A 216 0.92 22.77 -18.37
CA PRO A 216 2.39 22.83 -18.29
C PRO A 216 2.99 21.50 -18.72
N GLU A 217 4.07 21.56 -19.51
CA GLU A 217 4.74 20.33 -19.91
C GLU A 217 5.27 19.56 -18.70
N ASP A 218 5.59 20.28 -17.63
CA ASP A 218 6.10 19.62 -16.43
C ASP A 218 5.11 18.63 -15.82
N ILE A 219 3.82 18.74 -16.10
CA ILE A 219 2.86 17.73 -15.61
C ILE A 219 3.28 16.35 -16.06
N LEU A 220 3.86 16.24 -17.27
CA LEU A 220 4.26 14.95 -17.83
C LEU A 220 5.48 14.37 -17.14
N LYS A 221 6.13 15.12 -16.27
CA LYS A 221 7.27 14.63 -15.51
C LYS A 221 6.88 13.85 -14.26
N PHE A 222 5.63 13.97 -13.80
CA PHE A 222 5.22 13.17 -12.65
C PHE A 222 5.34 11.69 -13.00
N ARG A 223 5.92 10.91 -12.09
CA ARG A 223 6.09 9.46 -12.29
C ARG A 223 6.10 8.79 -10.93
N LEU A 224 5.88 7.47 -10.93
CA LEU A 224 5.98 6.72 -9.69
C LEU A 224 6.25 5.26 -10.02
N GLY A 225 6.72 4.54 -9.00
CA GLY A 225 6.87 3.11 -9.04
C GLY A 225 8.27 2.65 -9.38
N PRO B 12 -26.15 2.38 3.86
CA PRO B 12 -25.94 2.05 5.27
C PRO B 12 -24.96 3.00 5.98
N GLU B 13 -25.22 3.25 7.27
CA GLU B 13 -24.32 4.00 8.11
C GLU B 13 -23.11 3.13 8.47
N ALA B 14 -22.20 3.69 9.25
CA ALA B 14 -21.02 2.94 9.66
C ALA B 14 -21.39 1.75 10.54
N PRO B 15 -20.64 0.65 10.44
CA PRO B 15 -20.97 -0.53 11.24
C PRO B 15 -20.61 -0.40 12.71
N SER B 16 -19.75 0.54 13.09
CA SER B 16 -19.37 0.75 14.48
C SER B 16 -18.91 2.19 14.62
N ASP B 17 -18.91 2.66 15.88
N ASP B 17 -18.91 2.67 15.87
CA ASP B 17 -18.39 3.99 16.15
CA ASP B 17 -18.38 4.01 16.09
C ASP B 17 -16.94 4.13 15.68
C ASP B 17 -16.93 4.12 15.63
N ARG B 18 -16.11 3.08 15.87
CA ARG B 18 -14.71 3.23 15.55
C ARG B 18 -14.42 3.13 14.07
N THR B 19 -15.41 2.78 13.24
CA THR B 19 -15.29 2.80 11.79
C THR B 19 -16.05 3.96 11.14
N HIS B 20 -16.56 4.88 11.93
CA HIS B 20 -17.29 6.01 11.36
C HIS B 20 -16.30 7.04 10.81
N VAL B 21 -16.34 7.20 9.49
CA VAL B 21 -15.48 8.16 8.82
C VAL B 21 -15.92 9.56 9.21
N LYS B 22 -14.97 10.36 9.69
CA LYS B 22 -15.22 11.73 10.10
C LYS B 22 -14.66 12.73 9.08
N ARG B 23 -13.37 12.70 8.81
CA ARG B 23 -12.81 13.63 7.84
C ARG B 23 -13.26 13.26 6.42
N TYR B 24 -13.62 14.26 5.62
CA TYR B 24 -14.01 13.98 4.24
C TYR B 24 -15.08 12.87 4.20
N HIS B 25 -16.08 13.01 5.10
CA HIS B 25 -17.04 11.92 5.30
C HIS B 25 -17.90 11.69 4.07
N TRP B 26 -18.01 12.69 3.19
CA TRP B 26 -18.74 12.54 1.94
C TRP B 26 -18.13 11.46 1.04
N LEU B 27 -16.88 11.08 1.25
CA LEU B 27 -16.25 10.02 0.48
C LEU B 27 -16.47 8.63 1.08
N ALA B 28 -17.13 8.54 2.23
CA ALA B 28 -17.28 7.26 2.91
C ALA B 28 -18.28 6.35 2.20
N ARG B 29 -18.00 5.06 2.21
CA ARG B 29 -18.93 4.01 1.77
C ARG B 29 -18.82 2.86 2.76
N TYR B 30 -19.97 2.28 3.11
CA TYR B 30 -20.02 1.17 4.05
C TYR B 30 -20.71 -0.05 3.48
N ASP B 31 -21.30 0.09 2.29
CA ASP B 31 -22.08 -0.98 1.70
C ASP B 31 -21.18 -2.14 1.27
N GLN B 32 -21.73 -3.35 1.38
N GLN B 32 -21.74 -3.34 1.37
CA GLN B 32 -20.91 -4.53 1.10
CA GLN B 32 -20.99 -4.56 1.08
C GLN B 32 -20.47 -4.61 -0.36
C GLN B 32 -20.47 -4.58 -0.34
N GLU B 33 -21.27 -4.07 -1.29
CA GLU B 33 -20.84 -4.09 -2.69
C GLU B 33 -19.51 -3.36 -2.84
N THR B 34 -19.40 -2.19 -2.24
CA THR B 34 -18.16 -1.40 -2.35
C THR B 34 -17.02 -2.08 -1.60
N VAL B 35 -17.27 -2.55 -0.37
CA VAL B 35 -16.24 -3.26 0.38
C VAL B 35 -15.66 -4.39 -0.46
N LYS B 36 -16.54 -5.24 -1.00
CA LYS B 36 -16.08 -6.38 -1.76
C LYS B 36 -15.41 -5.96 -3.05
N ALA B 37 -15.92 -4.92 -3.71
CA ALA B 37 -15.31 -4.49 -4.97
C ALA B 37 -13.86 -4.02 -4.78
N ILE B 38 -13.59 -3.34 -3.67
CA ILE B 38 -12.23 -2.88 -3.42
C ILE B 38 -11.35 -4.07 -3.05
N LEU B 39 -11.84 -4.93 -2.15
CA LEU B 39 -11.07 -6.10 -1.74
C LEU B 39 -10.76 -7.02 -2.93
N ASP B 40 -11.68 -7.11 -3.87
CA ASP B 40 -11.54 -8.01 -5.01
C ASP B 40 -10.63 -7.47 -6.09
N ALA B 41 -10.29 -6.19 -6.05
CA ALA B 41 -9.55 -5.52 -7.10
C ALA B 41 -8.04 -5.66 -6.97
N THR B 42 -7.54 -6.13 -5.83
CA THR B 42 -6.10 -6.09 -5.58
C THR B 42 -5.74 -7.17 -4.58
N PRO B 43 -4.50 -7.69 -4.64
CA PRO B 43 -4.04 -8.67 -3.66
C PRO B 43 -3.29 -8.07 -2.51
N LEU B 44 -2.97 -6.77 -2.52
CA LEU B 44 -2.01 -6.21 -1.57
C LEU B 44 -2.68 -5.46 -0.44
N ALA B 45 -2.47 -5.95 0.78
CA ALA B 45 -2.94 -5.34 2.02
C ALA B 45 -1.76 -4.88 2.88
N HIS B 46 -2.09 -4.08 3.89
CA HIS B 46 -1.17 -3.66 4.95
C HIS B 46 -1.84 -3.92 6.27
N VAL B 47 -1.25 -4.79 7.08
CA VAL B 47 -1.84 -5.19 8.35
C VAL B 47 -1.14 -4.49 9.50
N GLY B 48 -1.93 -3.84 10.35
CA GLY B 48 -1.42 -3.16 11.54
C GLY B 48 -1.65 -4.03 12.77
N CYS B 49 -0.59 -4.17 13.55
CA CYS B 49 -0.62 -5.03 14.73
C CYS B 49 0.46 -4.55 15.68
N MET B 50 0.14 -4.44 16.99
CA MET B 50 1.16 -4.09 17.98
C MET B 50 2.10 -5.27 18.18
N MET B 51 3.38 -5.07 17.89
CA MET B 51 4.41 -6.08 18.08
C MET B 51 5.65 -5.39 18.59
N ASN B 52 6.25 -5.94 19.64
CA ASN B 52 7.49 -5.39 20.13
C ASN B 52 7.38 -3.91 20.42
N GLY B 53 6.20 -3.49 20.91
CA GLY B 53 6.00 -2.12 21.33
C GLY B 53 5.63 -1.13 20.25
N VAL B 54 5.44 -1.57 19.00
CA VAL B 54 5.22 -0.67 17.87
C VAL B 54 3.99 -1.12 17.10
N PRO B 55 3.19 -0.18 16.55
CA PRO B 55 2.11 -0.51 15.63
C PRO B 55 2.70 -0.77 14.25
N PHE B 56 3.29 -1.95 14.11
CA PHE B 56 3.90 -2.33 12.86
C PHE B 56 2.87 -2.44 11.74
N VAL B 57 3.33 -2.10 10.54
CA VAL B 57 2.52 -2.18 9.33
C VAL B 57 3.19 -3.17 8.38
N THR B 58 2.60 -4.35 8.26
CA THR B 58 3.17 -5.45 7.48
C THR B 58 2.48 -5.54 6.13
N PRO B 59 3.19 -5.35 5.02
CA PRO B 59 2.59 -5.60 3.70
C PRO B 59 2.40 -7.08 3.51
N THR B 60 1.28 -7.50 2.95
CA THR B 60 1.03 -8.92 2.74
C THR B 60 -0.04 -9.10 1.66
N PHE B 61 -0.04 -10.27 1.05
N PHE B 61 -0.01 -10.24 0.99
CA PHE B 61 -1.14 -10.58 0.16
CA PHE B 61 -1.10 -10.60 0.11
C PHE B 61 -2.35 -11.01 0.96
C PHE B 61 -2.33 -11.00 0.94
N PHE B 62 -3.52 -10.88 0.33
CA PHE B 62 -4.72 -11.38 0.98
C PHE B 62 -5.69 -11.84 -0.09
N TRP B 63 -6.68 -12.61 0.35
CA TRP B 63 -7.75 -13.04 -0.53
C TRP B 63 -9.05 -13.04 0.24
N ARG B 64 -10.15 -12.89 -0.48
CA ARG B 64 -11.48 -12.89 0.13
C ARG B 64 -12.22 -14.16 -0.20
N GLU B 65 -12.92 -14.72 0.80
CA GLU B 65 -13.93 -15.77 0.56
C GLU B 65 -15.18 -15.34 1.33
N GLY B 66 -16.22 -14.94 0.58
CA GLY B 66 -17.45 -14.51 1.24
C GLY B 66 -17.19 -13.33 2.17
N ASP B 67 -17.58 -13.49 3.43
N ASP B 67 -17.59 -13.49 3.42
CA ASP B 67 -17.51 -12.42 4.41
CA ASP B 67 -17.52 -12.40 4.38
C ASP B 67 -16.23 -12.39 5.21
C ASP B 67 -16.25 -12.41 5.22
N ARG B 68 -15.18 -13.08 4.76
CA ARG B 68 -13.89 -13.02 5.44
C ARG B 68 -12.75 -12.81 4.44
N VAL B 69 -11.68 -12.17 4.92
CA VAL B 69 -10.42 -12.14 4.20
C VAL B 69 -9.40 -12.98 4.94
N TYR B 70 -8.41 -13.42 4.19
CA TYR B 70 -7.41 -14.37 4.64
C TYR B 70 -6.03 -13.88 4.21
N TRP B 71 -5.01 -14.23 5.00
CA TRP B 71 -3.63 -14.00 4.60
C TRP B 71 -2.81 -15.14 5.21
N HIS B 72 -1.56 -15.29 4.74
CA HIS B 72 -0.74 -16.44 5.12
C HIS B 72 0.67 -15.99 5.41
N GLY B 73 1.40 -16.87 6.08
CA GLY B 73 2.82 -16.68 6.28
C GLY B 73 3.36 -17.84 7.09
N SER B 74 4.45 -17.64 7.80
CA SER B 74 5.05 -18.72 8.56
C SER B 74 4.20 -19.07 9.78
N SER B 75 4.05 -20.37 10.05
N SER B 75 4.04 -20.38 10.04
CA SER B 75 3.40 -20.77 11.28
CA SER B 75 3.42 -20.80 11.29
C SER B 75 4.14 -20.27 12.51
C SER B 75 4.13 -20.22 12.50
N ALA B 76 5.42 -19.94 12.38
CA ALA B 76 6.23 -19.39 13.47
C ALA B 76 6.31 -17.87 13.43
N GLY B 77 5.58 -17.24 12.52
CA GLY B 77 5.71 -15.80 12.34
C GLY B 77 5.12 -15.00 13.49
N ARG B 78 5.79 -13.90 13.83
CA ARG B 78 5.35 -13.11 14.95
C ARG B 78 3.95 -12.54 14.80
N LEU B 79 3.52 -12.20 13.57
CA LEU B 79 2.18 -11.62 13.42
C LEU B 79 1.11 -12.59 13.84
N PHE B 80 1.30 -13.86 13.48
CA PHE B 80 0.27 -14.87 13.71
C PHE B 80 0.11 -15.19 15.19
N LYS B 81 1.17 -15.00 15.97
CA LYS B 81 1.05 -15.10 17.43
C LYS B 81 0.43 -13.83 18.01
N ALA B 82 0.87 -12.67 17.53
CA ALA B 82 0.50 -11.39 18.13
C ALA B 82 -0.97 -11.04 17.90
N LEU B 83 -1.55 -11.55 16.81
CA LEU B 83 -2.93 -11.22 16.49
C LEU B 83 -3.93 -11.94 17.40
N GLU B 84 -3.46 -12.85 18.25
CA GLU B 84 -4.41 -13.68 18.99
C GLU B 84 -5.24 -12.86 19.99
N HIS B 85 -4.65 -11.86 20.62
CA HIS B 85 -5.29 -11.21 21.76
C HIS B 85 -5.47 -9.72 21.56
N GLN B 86 -5.45 -9.23 20.31
CA GLN B 86 -5.65 -7.81 20.08
C GLN B 86 -6.43 -7.63 18.79
N ASP B 87 -7.22 -6.57 18.76
CA ASP B 87 -7.86 -6.17 17.51
C ASP B 87 -6.84 -5.51 16.58
N ILE B 88 -6.91 -5.85 15.30
CA ILE B 88 -6.01 -5.35 14.29
C ILE B 88 -6.77 -4.48 13.29
N CYS B 89 -5.99 -3.83 12.41
CA CYS B 89 -6.52 -3.09 11.26
C CYS B 89 -5.88 -3.66 10.02
N LEU B 90 -6.70 -4.08 9.04
CA LEU B 90 -6.21 -4.53 7.75
C LEU B 90 -6.67 -3.47 6.75
N THR B 91 -5.68 -2.77 6.14
CA THR B 91 -5.98 -1.71 5.20
C THR B 91 -5.62 -2.17 3.78
N VAL B 92 -6.50 -1.87 2.84
CA VAL B 92 -6.26 -2.12 1.43
C VAL B 92 -6.45 -0.80 0.71
N SER B 93 -5.39 -0.34 0.02
N SER B 93 -5.40 -0.34 0.03
CA SER B 93 -5.41 0.91 -0.73
CA SER B 93 -5.46 0.93 -0.70
C SER B 93 -5.13 0.67 -2.20
C SER B 93 -5.09 0.74 -2.17
N LEU B 94 -5.75 1.51 -3.02
CA LEU B 94 -5.43 1.63 -4.43
C LEU B 94 -5.34 3.10 -4.79
N LEU B 95 -4.20 3.50 -5.30
CA LEU B 95 -3.97 4.86 -5.80
C LEU B 95 -4.40 4.91 -7.26
N ASP B 96 -5.37 5.80 -7.57
CA ASP B 96 -5.99 5.86 -8.88
C ASP B 96 -5.66 7.13 -9.69
N GLY B 97 -5.09 8.16 -9.07
CA GLY B 97 -4.72 9.33 -9.85
C GLY B 97 -4.22 10.43 -8.96
N LEU B 98 -3.46 11.36 -9.55
CA LEU B 98 -3.04 12.58 -8.88
C LEU B 98 -3.97 13.70 -9.32
N VAL B 99 -4.56 14.42 -8.36
CA VAL B 99 -5.56 15.45 -8.62
C VAL B 99 -4.88 16.81 -8.48
N ILE B 100 -4.78 17.53 -9.60
CA ILE B 100 -4.08 18.82 -9.72
C ILE B 100 -5.14 19.91 -9.70
N ALA B 101 -5.17 20.69 -8.63
CA ALA B 101 -6.15 21.75 -8.43
C ALA B 101 -5.51 23.10 -8.71
N ARG B 102 -6.34 24.15 -8.69
CA ARG B 102 -5.87 25.51 -8.88
C ARG B 102 -5.13 26.05 -7.66
N SER B 103 -5.43 25.53 -6.46
CA SER B 103 -4.70 25.87 -5.25
C SER B 103 -3.99 24.63 -4.74
N ALA B 104 -2.85 24.82 -4.13
CA ALA B 104 -2.11 23.70 -3.54
C ALA B 104 -2.96 22.97 -2.49
N TYR B 105 -3.69 23.72 -1.69
CA TYR B 105 -4.49 23.18 -0.61
C TYR B 105 -5.50 22.15 -1.11
N ASN B 106 -6.00 22.31 -2.34
CA ASN B 106 -6.97 21.38 -2.91
C ASN B 106 -6.38 20.34 -3.86
N PHE B 107 -5.05 20.21 -3.91
CA PHE B 107 -4.50 19.02 -4.54
C PHE B 107 -5.01 17.79 -3.77
N ASN B 108 -5.02 16.66 -4.49
CA ASN B 108 -5.62 15.48 -3.87
C ASN B 108 -5.18 14.26 -4.67
N CYS B 109 -5.82 13.13 -4.39
N CYS B 109 -5.80 13.12 -4.34
CA CYS B 109 -5.64 11.95 -5.22
CA CYS B 109 -5.62 11.88 -5.07
C CYS B 109 -6.96 11.24 -5.33
C CYS B 109 -7.00 11.27 -5.32
N ASN B 110 -7.14 10.57 -6.47
CA ASN B 110 -8.23 9.62 -6.60
C ASN B 110 -7.76 8.28 -6.09
N PHE B 111 -8.66 7.54 -5.45
CA PHE B 111 -8.25 6.35 -4.72
C PHE B 111 -9.47 5.55 -4.33
N ARG B 112 -9.19 4.31 -3.93
CA ARG B 112 -10.13 3.45 -3.22
C ARG B 112 -9.41 2.90 -2.01
N SER B 113 -10.00 2.98 -0.83
N SER B 113 -10.08 2.86 -0.86
CA SER B 113 -9.41 2.30 0.31
CA SER B 113 -9.42 2.45 0.37
C SER B 113 -10.47 1.74 1.22
C SER B 113 -10.43 1.79 1.30
N VAL B 114 -10.09 0.65 1.91
N VAL B 114 -10.06 0.64 1.86
CA VAL B 114 -10.94 -0.01 2.88
CA VAL B 114 -10.87 -0.07 2.86
C VAL B 114 -10.10 -0.37 4.08
C VAL B 114 -10.03 -0.31 4.09
N MET B 115 -10.66 -0.15 5.26
CA MET B 115 -10.08 -0.61 6.52
C MET B 115 -11.04 -1.61 7.15
N LEU B 116 -10.50 -2.78 7.50
CA LEU B 116 -11.21 -3.84 8.20
C LEU B 116 -10.66 -3.94 9.60
N LEU B 117 -11.53 -3.83 10.61
CA LEU B 117 -11.10 -3.87 11.99
C LEU B 117 -11.63 -5.11 12.68
N GLY B 118 -10.90 -5.61 13.68
CA GLY B 118 -11.45 -6.63 14.55
C GLY B 118 -10.45 -7.68 14.92
N ARG B 119 -10.98 -8.80 15.39
CA ARG B 119 -10.16 -9.86 15.95
C ARG B 119 -10.00 -10.95 14.89
N ALA B 120 -8.79 -11.11 14.40
CA ALA B 120 -8.52 -12.17 13.48
C ALA B 120 -8.36 -13.49 14.22
N GLU B 121 -8.41 -14.57 13.45
CA GLU B 121 -8.21 -15.89 14.02
C GLU B 121 -7.42 -16.77 13.08
N LEU B 122 -6.70 -17.71 13.65
CA LEU B 122 -5.89 -18.64 12.86
C LEU B 122 -6.72 -19.87 12.49
N ILE B 123 -6.45 -20.41 11.30
CA ILE B 123 -7.02 -21.71 10.93
C ILE B 123 -6.16 -22.80 11.52
N SER B 124 -6.70 -23.58 12.45
CA SER B 124 -5.93 -24.66 13.06
C SER B 124 -6.11 -25.99 12.32
N ASP B 125 -7.21 -26.17 11.61
CA ASP B 125 -7.48 -27.42 10.93
C ASP B 125 -6.68 -27.48 9.65
N GLU B 126 -5.79 -28.45 9.54
CA GLU B 126 -4.85 -28.47 8.42
C GLU B 126 -5.54 -28.75 7.10
N ALA B 127 -6.64 -29.51 7.12
CA ALA B 127 -7.37 -29.77 5.88
C ALA B 127 -8.05 -28.50 5.37
N VAL B 128 -8.66 -27.75 6.29
CA VAL B 128 -9.28 -26.48 5.93
C VAL B 128 -8.21 -25.50 5.44
N LYS B 129 -7.07 -25.47 6.10
CA LYS B 129 -5.99 -24.58 5.70
C LYS B 129 -5.58 -24.85 4.24
N ALA B 130 -5.43 -26.13 3.88
CA ALA B 130 -5.04 -26.46 2.50
C ALA B 130 -6.11 -26.02 1.51
N GLU B 131 -7.38 -26.17 1.88
CA GLU B 131 -8.43 -25.72 0.99
C GLU B 131 -8.37 -24.20 0.77
N LYS B 132 -8.12 -23.44 1.84
CA LYS B 132 -8.02 -22.00 1.71
C LYS B 132 -6.81 -21.58 0.86
N LEU B 133 -5.68 -22.24 1.07
CA LEU B 133 -4.48 -21.92 0.28
C LEU B 133 -4.69 -22.23 -1.20
N ARG B 134 -5.42 -23.30 -1.54
CA ARG B 134 -5.76 -23.55 -2.92
C ARG B 134 -6.61 -22.41 -3.48
N ASN B 135 -7.58 -21.94 -2.69
CA ASN B 135 -8.40 -20.82 -3.13
C ASN B 135 -7.53 -19.59 -3.41
N PHE B 136 -6.55 -19.33 -2.55
CA PHE B 136 -5.64 -18.20 -2.75
C PHE B 136 -4.94 -18.31 -4.09
N VAL B 137 -4.28 -19.44 -4.34
CA VAL B 137 -3.51 -19.60 -5.58
C VAL B 137 -4.43 -19.51 -6.78
N ASP B 138 -5.55 -20.23 -6.75
CA ASP B 138 -6.44 -20.30 -7.92
C ASP B 138 -7.18 -18.99 -8.12
N GLY B 139 -7.28 -18.16 -7.08
CA GLY B 139 -7.83 -16.82 -7.23
C GLY B 139 -6.92 -15.90 -7.97
N LEU B 140 -5.62 -16.16 -7.95
CA LEU B 140 -4.65 -15.39 -8.72
C LEU B 140 -4.56 -15.92 -10.14
N ILE B 141 -4.45 -17.24 -10.28
CA ILE B 141 -4.29 -17.91 -11.57
C ILE B 141 -5.23 -19.11 -11.60
N PRO B 142 -6.32 -19.07 -12.38
CA PRO B 142 -7.28 -20.19 -12.38
C PRO B 142 -6.59 -21.52 -12.66
N GLY B 143 -6.98 -22.54 -11.91
CA GLY B 143 -6.51 -23.89 -12.14
C GLY B 143 -5.08 -24.18 -11.76
N GLU B 144 -4.37 -23.21 -11.18
CA GLU B 144 -2.92 -23.34 -11.05
C GLU B 144 -2.51 -24.35 -9.99
N TRP B 145 -3.22 -24.39 -8.84
CA TRP B 145 -2.80 -25.27 -7.74
C TRP B 145 -2.65 -26.70 -8.23
N GLU B 146 -3.57 -27.14 -9.08
CA GLU B 146 -3.62 -28.49 -9.60
C GLU B 146 -2.45 -28.82 -10.53
N ARG B 147 -1.80 -27.82 -11.10
CA ARG B 147 -0.67 -28.04 -12.00
C ARG B 147 0.65 -28.21 -11.29
N LEU B 148 0.71 -27.86 -10.03
CA LEU B 148 1.99 -27.72 -9.34
C LEU B 148 2.45 -29.07 -8.80
N ARG B 149 3.72 -29.13 -8.44
CA ARG B 149 4.24 -30.31 -7.76
C ARG B 149 3.39 -30.54 -6.51
N PRO B 150 2.86 -31.75 -6.29
CA PRO B 150 1.89 -31.94 -5.20
C PRO B 150 2.40 -31.46 -3.86
N VAL B 151 1.54 -30.71 -3.15
CA VAL B 151 1.94 -30.11 -1.89
C VAL B 151 2.32 -31.18 -0.87
N HIS B 152 3.35 -30.88 -0.10
CA HIS B 152 3.75 -31.79 0.95
C HIS B 152 3.06 -31.42 2.26
N ALA B 153 2.76 -32.43 3.07
CA ALA B 153 2.18 -32.15 4.37
C ALA B 153 2.99 -31.16 5.19
N LYS B 154 4.32 -31.30 5.19
CA LYS B 154 5.16 -30.38 5.98
C LYS B 154 5.03 -28.94 5.51
N GLU B 155 4.78 -28.72 4.21
CA GLU B 155 4.59 -27.36 3.70
C GLU B 155 3.31 -26.75 4.27
N ILE B 156 2.21 -27.51 4.25
CA ILE B 156 0.96 -27.03 4.86
C ILE B 156 1.18 -26.72 6.33
N GLU B 157 1.82 -27.66 7.04
CA GLU B 157 1.96 -27.49 8.47
C GLU B 157 2.88 -26.32 8.84
N ALA B 158 3.79 -25.93 7.96
CA ALA B 158 4.69 -24.81 8.19
C ALA B 158 4.02 -23.46 7.92
N THR B 159 2.78 -23.44 7.46
CA THR B 159 2.11 -22.22 7.02
C THR B 159 1.04 -21.85 8.04
N ALA B 160 0.94 -20.57 8.38
CA ALA B 160 -0.21 -20.04 9.09
C ALA B 160 -1.17 -19.42 8.08
N VAL B 161 -2.45 -19.56 8.35
CA VAL B 161 -3.49 -18.82 7.64
C VAL B 161 -4.35 -18.12 8.68
N ALA B 162 -4.43 -16.80 8.56
CA ALA B 162 -5.29 -15.99 9.42
C ALA B 162 -6.50 -15.54 8.64
N SER B 163 -7.60 -15.28 9.34
CA SER B 163 -8.75 -14.68 8.70
C SER B 163 -9.39 -13.64 9.60
N LEU B 164 -10.07 -12.71 8.94
CA LEU B 164 -10.71 -11.58 9.57
C LEU B 164 -12.05 -11.34 8.87
N SER B 165 -13.10 -11.13 9.65
CA SER B 165 -14.39 -10.74 9.10
C SER B 165 -14.28 -9.40 8.36
N ILE B 166 -15.05 -9.26 7.29
CA ILE B 166 -15.18 -8.01 6.59
C ILE B 166 -16.25 -7.10 7.15
N ALA B 167 -16.95 -7.52 8.21
CA ALA B 167 -18.16 -6.80 8.61
C ALA B 167 -17.84 -5.41 9.16
N GLU B 168 -16.78 -5.28 9.95
CA GLU B 168 -16.46 -4.00 10.57
C GLU B 168 -15.51 -3.22 9.65
N ALA B 169 -16.10 -2.71 8.56
CA ALA B 169 -15.33 -2.12 7.47
C ALA B 169 -15.77 -0.71 7.14
N SER B 170 -14.81 0.17 6.88
CA SER B 170 -15.09 1.48 6.33
C SER B 170 -14.34 1.61 5.01
N CYS B 171 -14.97 2.25 4.03
CA CYS B 171 -14.29 2.61 2.79
C CYS B 171 -14.30 4.11 2.60
N LYS B 172 -13.31 4.60 1.86
CA LYS B 172 -13.34 5.93 1.29
C LYS B 172 -12.96 5.78 -0.17
N VAL B 173 -13.65 6.51 -1.04
CA VAL B 173 -13.41 6.47 -2.48
C VAL B 173 -13.47 7.90 -3.00
N ARG B 174 -12.48 8.28 -3.81
CA ARG B 174 -12.53 9.53 -4.54
C ARG B 174 -12.33 9.23 -6.01
N THR B 175 -13.17 9.83 -6.84
CA THR B 175 -13.06 9.78 -8.28
C THR B 175 -13.23 11.19 -8.84
N GLY B 176 -12.92 11.37 -10.12
CA GLY B 176 -13.31 12.56 -10.84
C GLY B 176 -12.33 13.73 -10.72
N PRO B 177 -12.80 14.90 -11.18
CA PRO B 177 -11.90 16.05 -11.36
C PRO B 177 -11.53 16.69 -10.03
N PRO B 178 -10.59 17.63 -10.08
CA PRO B 178 -10.33 18.48 -8.91
C PRO B 178 -11.58 19.25 -8.49
N LEU B 179 -11.59 19.64 -7.22
CA LEU B 179 -12.65 20.49 -6.68
C LEU B 179 -11.99 21.66 -5.97
N ASP B 180 -12.06 22.82 -6.60
CA ASP B 180 -11.50 24.04 -6.05
C ASP B 180 -12.55 24.87 -5.34
N ASP B 181 -12.06 25.79 -4.50
CA ASP B 181 -12.94 26.81 -3.93
C ASP B 181 -13.62 27.58 -5.06
N GLU B 182 -14.88 27.97 -4.85
N GLU B 182 -14.88 27.96 -4.82
CA GLU B 182 -15.64 28.58 -5.93
CA GLU B 182 -15.66 28.59 -5.89
C GLU B 182 -14.99 29.85 -6.45
C GLU B 182 -15.00 29.84 -6.44
N GLU B 183 -14.31 30.62 -5.58
CA GLU B 183 -13.71 31.87 -5.99
C GLU B 183 -12.44 31.68 -6.78
N ASP B 184 -11.91 30.46 -6.89
CA ASP B 184 -10.65 30.22 -7.56
C ASP B 184 -10.78 29.88 -9.04
N TYR B 185 -12.00 29.71 -9.54
CA TYR B 185 -12.19 29.32 -10.93
C TYR B 185 -11.85 30.39 -11.95
N ALA B 186 -11.61 31.63 -11.52
CA ALA B 186 -11.13 32.64 -12.45
C ALA B 186 -9.59 32.65 -12.47
N PHE B 187 -8.92 31.85 -11.63
CA PHE B 187 -7.47 31.94 -11.56
C PHE B 187 -6.86 31.14 -12.72
N PRO B 188 -5.93 31.71 -13.50
CA PRO B 188 -5.45 31.02 -14.72
C PRO B 188 -4.34 30.02 -14.41
N SER B 189 -4.75 28.84 -13.93
CA SER B 189 -3.88 27.70 -13.77
C SER B 189 -4.61 26.46 -14.30
N TRP B 190 -3.85 25.53 -14.84
CA TRP B 190 -4.42 24.33 -15.43
C TRP B 190 -4.67 23.29 -14.34
N ALA B 191 -5.89 22.79 -14.29
CA ALA B 191 -6.28 21.76 -13.33
C ALA B 191 -6.64 20.48 -14.10
N GLY B 192 -6.55 19.35 -13.41
CA GLY B 192 -6.88 18.09 -14.07
C GLY B 192 -6.44 16.92 -13.20
N VAL B 193 -6.36 15.75 -13.83
CA VAL B 193 -6.05 14.51 -13.12
C VAL B 193 -5.04 13.75 -13.95
N ILE B 194 -4.03 13.20 -13.28
CA ILE B 194 -3.10 12.26 -13.91
C ILE B 194 -3.54 10.87 -13.46
N PRO B 195 -4.16 10.06 -14.32
CA PRO B 195 -4.57 8.72 -13.88
C PRO B 195 -3.37 7.85 -13.61
N ILE B 196 -3.53 6.96 -12.61
CA ILE B 196 -2.52 6.00 -12.18
C ILE B 196 -3.17 4.64 -12.09
N ARG B 197 -2.49 3.57 -12.52
CA ARG B 197 -3.02 2.24 -12.34
C ARG B 197 -1.88 1.24 -12.29
N TYR B 198 -2.17 0.05 -11.76
CA TYR B 198 -1.25 -1.07 -11.97
C TYR B 198 -1.30 -1.55 -13.40
N GLN B 199 -0.13 -1.98 -13.88
CA GLN B 199 0.03 -2.61 -15.18
C GLN B 199 0.75 -3.94 -14.97
N VAL B 200 0.25 -4.96 -15.65
CA VAL B 200 0.87 -6.27 -15.69
C VAL B 200 1.53 -6.44 -17.05
N LEU B 201 2.77 -6.92 -17.07
CA LEU B 201 3.52 -7.14 -18.29
C LEU B 201 3.50 -8.60 -18.66
N PRO B 202 3.92 -8.96 -19.89
CA PRO B 202 3.87 -10.36 -20.30
C PRO B 202 4.73 -11.23 -19.40
N PRO B 203 4.36 -12.48 -19.20
CA PRO B 203 5.13 -13.35 -18.30
C PRO B 203 6.53 -13.60 -18.84
N GLU B 204 7.47 -13.71 -17.91
CA GLU B 204 8.87 -13.96 -18.21
C GLU B 204 9.24 -15.34 -17.72
N PRO B 205 9.54 -16.26 -18.60
CA PRO B 205 9.76 -17.64 -18.17
C PRO B 205 11.05 -17.78 -17.34
N ASP B 206 10.99 -18.67 -16.36
CA ASP B 206 12.20 -19.06 -15.64
C ASP B 206 13.17 -19.71 -16.64
N PRO B 207 14.41 -19.26 -16.74
CA PRO B 207 15.36 -19.95 -17.65
C PRO B 207 15.66 -21.37 -17.28
N ARG B 208 15.30 -21.79 -16.07
CA ARG B 208 15.41 -23.20 -15.68
C ARG B 208 14.18 -24.03 -16.07
N ASN B 209 13.18 -23.45 -16.69
CA ASN B 209 12.07 -24.28 -17.16
C ASN B 209 12.56 -25.36 -18.10
N LEU B 210 11.94 -26.53 -17.99
CA LEU B 210 12.13 -27.60 -18.98
C LEU B 210 11.64 -27.11 -20.34
N PRO B 211 12.38 -27.29 -21.43
CA PRO B 211 11.89 -26.76 -22.72
C PRO B 211 10.58 -27.34 -23.18
N ASP B 212 10.23 -28.55 -22.75
CA ASP B 212 9.01 -29.22 -23.18
C ASP B 212 7.78 -28.90 -22.35
N VAL B 213 7.83 -27.91 -21.47
CA VAL B 213 6.71 -27.55 -20.60
C VAL B 213 5.99 -26.34 -21.18
N PRO B 214 4.68 -26.43 -21.45
CA PRO B 214 3.93 -25.29 -21.96
C PRO B 214 3.64 -24.29 -20.83
N MET B 215 3.35 -23.06 -21.25
CA MET B 215 2.83 -22.06 -20.31
C MET B 215 1.31 -22.15 -20.30
N PRO B 216 0.67 -22.36 -19.15
CA PRO B 216 -0.80 -22.34 -19.13
C PRO B 216 -1.30 -20.98 -19.57
N GLU B 217 -2.33 -20.97 -20.44
CA GLU B 217 -2.96 -19.71 -20.82
C GLU B 217 -3.53 -18.98 -19.62
N ASP B 218 -3.93 -19.73 -18.58
CA ASP B 218 -4.47 -19.11 -17.39
C ASP B 218 -3.53 -18.12 -16.74
N ILE B 219 -2.21 -18.23 -16.95
CA ILE B 219 -1.29 -17.24 -16.39
C ILE B 219 -1.63 -15.85 -16.87
N LEU B 220 -2.12 -15.73 -18.09
CA LEU B 220 -2.48 -14.45 -18.68
C LEU B 220 -3.73 -13.85 -18.06
N LYS B 221 -4.48 -14.60 -17.25
CA LYS B 221 -5.65 -14.08 -16.57
C LYS B 221 -5.32 -13.33 -15.30
N PHE B 222 -4.11 -13.47 -14.75
CA PHE B 222 -3.76 -12.72 -13.55
C PHE B 222 -3.81 -11.22 -13.87
N ARG B 223 -4.48 -10.48 -12.99
CA ARG B 223 -4.63 -9.05 -13.13
C ARG B 223 -4.76 -8.42 -11.75
N LEU B 224 -4.55 -7.11 -11.67
CA LEU B 224 -4.74 -6.41 -10.40
C LEU B 224 -4.97 -4.94 -10.68
N GLY B 225 -5.55 -4.27 -9.67
CA GLY B 225 -5.71 -2.84 -9.67
C GLY B 225 -7.05 -2.35 -10.11
CHA HEM C . -5.75 16.31 3.19
CHA HEM C . -5.80 16.28 3.10
CHB HEM C . -3.48 14.96 -0.81
CHB HEM C . -3.64 20.63 2.89
CHC HEM C . -1.08 19.14 -0.82
CHC HEM C . -1.05 19.24 -0.95
CHD HEM C . -3.57 20.60 3.01
CHD HEM C . -3.48 15.01 -0.95
C1A HEM C . -5.34 15.60 2.09
C1A HEM C . -5.42 17.57 3.38
C2A HEM C . -5.86 14.29 1.74
C2A HEM C . -5.92 18.39 4.47
C3A HEM C . -5.22 13.89 0.62
C3A HEM C . -5.33 19.58 4.41
C4A HEM C . -4.32 14.98 0.28
C4A HEM C . -4.43 19.56 3.29
CMA HEM C . -5.39 12.63 -0.18
CMA HEM C . -5.58 20.76 5.36
CAA HEM C . -6.95 13.52 2.50
CAA HEM C . -6.99 17.97 5.49
CBA HEM C . -8.39 14.01 2.16
CBA HEM C . -8.36 18.06 4.82
CGA HEM C . -9.34 12.90 2.54
CGA HEM C . -9.47 17.95 5.84
O1A HEM C . -9.90 12.16 1.67
O1A HEM C . -10.13 19.00 6.10
O2A HEM C . -9.55 12.71 3.79
O2A HEM C . -9.73 16.81 6.33
C1B HEM C . -2.65 15.98 -1.19
C1B HEM C . -2.73 20.61 1.86
C2B HEM C . -1.73 15.93 -2.30
C2B HEM C . -1.81 21.68 1.53
C3B HEM C . -1.06 17.09 -2.27
C3B HEM C . -1.07 21.28 0.50
C4B HEM C . -1.56 17.88 -1.17
C4B HEM C . -1.54 19.98 0.11
CMB HEM C . -1.61 14.72 -3.24
CMB HEM C . -1.62 23.01 2.24
CAB HEM C . 0.02 17.63 -3.19
CAB HEM C . 0.02 22.14 -0.13
CBB HEM C . 0.36 17.11 -4.37
CBB HEM C . 1.17 21.54 -0.45
C1C HEM C . -1.55 19.90 0.22
C1C HEM C . -1.49 17.98 -1.26
C2C HEM C . -1.07 21.22 0.54
C2C HEM C . -1.00 17.18 -2.35
C3C HEM C . -1.80 21.65 1.58
C3C HEM C . -1.62 16.03 -2.35
C4C HEM C . -2.71 20.59 1.93
C4C HEM C . -2.60 16.03 -1.28
CMC HEM C . 0.08 21.89 -0.18
CMC HEM C . 0.10 17.55 -3.31
CAC HEM C . -1.74 22.98 2.28
CAC HEM C . -1.34 14.94 -3.39
CBC HEM C . -1.49 24.12 1.58
CBC HEM C . -1.52 13.70 -3.02
C1D HEM C . -4.35 19.55 3.43
C1D HEM C . -4.33 14.98 0.14
C2D HEM C . -5.20 19.55 4.58
C2D HEM C . -5.23 13.89 0.49
C3D HEM C . -5.81 18.36 4.64
C3D HEM C . -5.87 14.25 1.61
C4D HEM C . -5.33 17.58 3.51
C4D HEM C . -5.39 15.56 2.00
CMD HEM C . -5.38 20.72 5.55
CMD HEM C . -5.40 12.59 -0.30
CAD HEM C . -6.87 17.90 5.63
CAD HEM C . -6.93 13.42 2.36
CBD HEM C . -8.28 18.18 5.07
CBD HEM C . -8.33 13.85 1.92
CGD HEM C . -9.33 17.92 6.13
CGD HEM C . -9.34 12.88 2.47
O1D HEM C . -9.77 16.77 6.31
O1D HEM C . -10.02 12.22 1.64
O2D HEM C . -9.74 18.89 6.82
O2D HEM C . -9.48 12.72 3.71
NA HEM C . -4.40 16.02 1.18
NA HEM C . -4.50 18.33 2.67
NB HEM C . -2.54 17.17 -0.51
NB HEM C . -2.55 19.58 0.95
NC HEM C . -2.54 19.55 1.08
NC HEM C . -2.48 17.24 -0.64
ND HEM C . -4.44 18.34 2.78
ND HEM C . -4.45 15.98 1.08
FE HEM C . -3.45 17.78 1.16
FE HEM C . -3.48 17.68 1.02
S SO4 D . -25.58 -3.50 2.65
O1 SO4 D . -25.89 -3.39 4.10
O2 SO4 D . -26.52 -2.61 1.95
O3 SO4 D . -24.23 -3.34 2.27
O4 SO4 D . -25.86 -4.91 2.35
S SO4 E . -19.56 -13.06 -2.88
O1 SO4 E . -19.20 -12.83 -1.47
O2 SO4 E . -20.41 -11.93 -3.26
O3 SO4 E . -20.40 -14.25 -3.03
O4 SO4 E . -18.41 -13.07 -3.80
PA FAD F . -11.01 9.81 10.73
O1A FAD F . -12.14 10.23 9.87
O2A FAD F . -10.81 10.50 12.02
O5B FAD F . -11.06 8.24 10.98
C5B FAD F . -12.26 7.65 11.53
C4B FAD F . -12.50 6.33 10.87
O4B FAD F . -12.69 6.51 9.45
C3B FAD F . -11.34 5.34 10.96
O3B FAD F . -11.25 4.70 12.22
C2B FAD F . -11.65 4.41 9.79
O2B FAD F . -12.62 3.45 10.17
C1B FAD F . -12.25 5.37 8.75
N9A FAD F . -11.27 5.79 7.74
C8A FAD F . -10.39 6.83 7.83
N7A FAD F . -9.59 6.93 6.80
C5A FAD F . -9.98 5.88 5.98
C6A FAD F . -9.50 5.43 4.72
N6A FAD F . -8.48 5.99 4.05
N1A FAD F . -10.09 4.33 4.19
C2A FAD F . -11.10 3.74 4.87
N3A FAD F . -11.62 4.09 6.05
C4A FAD F . -11.01 5.16 6.55
N1 FAD F . -4.66 11.84 4.08
C2 FAD F . -3.87 12.92 4.37
O2 FAD F . -4.12 13.65 5.33
N3 FAD F . -2.78 13.21 3.60
C4 FAD F . -2.36 12.47 2.52
O4 FAD F . -1.32 12.74 1.92
C4X FAD F . -3.24 11.37 2.17
N5 FAD F . -2.93 10.63 1.09
C5X FAD F . -3.72 9.50 0.85
C6 FAD F . -3.39 8.67 -0.24
C7 FAD F . -4.14 7.53 -0.52
C7M FAD F . -3.78 6.67 -1.70
C8 FAD F . -5.24 7.21 0.29
C8M FAD F . -6.05 5.97 0.07
C9 FAD F . -5.59 8.05 1.35
C9A FAD F . -4.85 9.20 1.63
N10 FAD F . -5.17 10.07 2.69
C10 FAD F . -4.36 11.12 3.02
C1' FAD F . -6.34 9.85 3.56
C2' FAD F . -5.99 9.09 4.83
O2' FAD F . -5.87 7.71 4.55
C3' FAD F . -7.06 9.29 5.90
O3' FAD F . -8.31 8.86 5.39
C4' FAD F . -7.19 10.74 6.39
O4' FAD F . -5.89 11.25 6.70
C5' FAD F . -8.11 10.85 7.57
O5' FAD F . -7.60 10.00 8.63
P FAD F . -8.14 10.15 10.09
O1P FAD F . -7.95 11.55 10.61
O2P FAD F . -7.55 9.01 10.89
O3P FAD F . -9.70 9.88 9.86
PA FAD G . 10.41 -10.43 11.20
O1A FAD G . 11.63 -10.82 10.45
O2A FAD G . 10.09 -11.17 12.45
O5B FAD G . 10.44 -8.86 11.48
C5B FAD G . 11.56 -8.30 12.21
C4B FAD G . 11.88 -6.95 11.63
O4B FAD G . 12.22 -7.09 10.23
C3B FAD G . 10.74 -5.94 11.63
O3B FAD G . 10.53 -5.37 12.90
C2B FAD G . 11.19 -4.98 10.54
O2B FAD G . 12.10 -4.04 11.07
C1B FAD G . 11.86 -5.91 9.53
N9A FAD G . 10.98 -6.29 8.43
C8A FAD G . 10.09 -7.33 8.38
N7A FAD G . 9.40 -7.37 7.27
C5A FAD G . 9.84 -6.27 6.55
C6A FAD G . 9.49 -5.76 5.28
N6A FAD G . 8.54 -6.28 4.49
N1A FAD G . 10.13 -4.63 4.87
C2A FAD G . 11.06 -4.09 5.65
N3A FAD G . 11.48 -4.48 6.87
C4A FAD G . 10.82 -5.60 7.26
N1 FAD G . 4.76 -12.07 3.88
C2 FAD G . 3.96 -13.16 4.07
O2 FAD G . 4.13 -13.94 5.03
N3 FAD G . 2.91 -13.40 3.21
C4 FAD G . 2.59 -12.63 2.14
O4 FAD G . 1.60 -12.87 1.44
C4X FAD G . 3.48 -11.52 1.92
N5 FAD G . 3.27 -10.72 0.85
C5X FAD G . 4.08 -9.60 0.70
C6 FAD G . 3.83 -8.70 -0.35
C7 FAD G . 4.59 -7.55 -0.53
C7M FAD G . 4.31 -6.62 -1.69
C8 FAD G . 5.63 -7.28 0.39
C8M FAD G . 6.42 -6.02 0.30
C9 FAD G . 5.90 -8.19 1.42
C9A FAD G . 5.13 -9.31 1.60
N10 FAD G . 5.39 -10.25 2.63
C10 FAD G . 4.53 -11.30 2.86
C1' FAD G . 6.49 -10.06 3.59
C2' FAD G . 6.02 -9.39 4.88
O2' FAD G . 5.94 -7.99 4.68
C3' FAD G . 6.99 -9.70 6.02
O3' FAD G . 8.29 -9.25 5.65
C4' FAD G . 7.05 -11.16 6.39
O4' FAD G . 5.72 -11.66 6.58
C5' FAD G . 7.81 -11.38 7.67
O5' FAD G . 7.26 -10.55 8.71
P FAD G . 7.64 -10.77 10.22
O1P FAD G . 7.42 -12.20 10.65
O2P FAD G . 6.95 -9.67 11.02
O3P FAD G . 9.21 -10.46 10.17
CHA HEM H . 5.97 -16.56 2.96
CHA HEM H . 5.91 -16.53 2.94
CHB HEM H . 3.70 -20.81 2.50
CHB HEM H . 3.98 -14.98 -1.17
CHC HEM H . 1.58 -19.26 -1.58
CHC HEM H . 1.54 -19.09 -1.54
CHD HEM H . 3.98 -15.07 -1.20
CHD HEM H . 3.72 -20.78 2.38
C1A HEM H . 5.54 -17.85 3.18
C1A HEM H . 5.60 -15.76 1.84
C2A HEM H . 5.95 -18.70 4.28
C2A HEM H . 6.15 -14.44 1.60
C3A HEM H . 5.33 -19.87 4.17
C3A HEM H . 5.62 -14.00 0.46
C4A HEM H . 4.49 -19.80 2.98
C4A HEM H . 4.72 -15.05 -0.02
CMA HEM H . 5.46 -21.08 5.11
CMA HEM H . 5.84 -12.69 -0.32
CAA HEM H . 6.96 -18.33 5.39
CAA HEM H . 7.19 -13.73 2.46
CBA HEM H . 8.36 -18.53 4.80
CBA HEM H . 8.63 -14.21 2.19
CGA HEM H . 9.44 -18.28 5.82
CGA HEM H . 9.57 -13.18 2.77
O1A HEM H . 10.28 -19.18 6.03
O1A HEM H . 10.23 -12.43 1.99
O2A HEM H . 9.51 -17.17 6.41
O2A HEM H . 9.65 -13.04 4.02
C1B HEM H . 2.93 -20.76 1.36
C1B HEM H . 3.14 -15.98 -1.65
C2B HEM H . 2.03 -21.80 0.90
C2B HEM H . 2.32 -15.88 -2.84
C3B HEM H . 1.42 -21.37 -0.20
C3B HEM H . 1.65 -17.01 -2.93
C4B HEM H . 1.93 -20.05 -0.51
C4B HEM H . 2.04 -17.85 -1.82
CMB HEM H . 1.78 -23.15 1.56
CMB HEM H . 2.24 -14.67 -3.76
CAB HEM H . 0.39 -22.19 -0.98
CAB HEM H . 0.62 -17.50 -3.96
CBB HEM H . -0.69 -21.56 -1.43
CBB HEM H . 0.35 -16.94 -5.12
C1C HEM H . 2.02 -17.98 -1.83
C1C HEM H . 1.89 -19.92 -0.50
C2C HEM H . 1.56 -17.09 -2.88
C2C HEM H . 1.40 -21.24 -0.25
C3C HEM H . 2.24 -15.94 -2.78
C3C HEM H . 2.03 -21.74 0.80
C4C HEM H . 3.12 -16.06 -1.64
C4C HEM H . 2.95 -20.71 1.24
CMC HEM H . 0.51 -17.45 -3.93
CMC HEM H . 0.27 -21.87 -1.04
CAC HEM H . 2.14 -14.66 -3.62
CAC HEM H . 1.91 -23.09 1.45
CBC HEM H . 1.02 -14.30 -4.26
CBC HEM H . 1.70 -24.18 0.71
C1D HEM H . 4.73 -15.11 -0.05
C1D HEM H . 4.47 -19.75 2.92
C2D HEM H . 5.61 -14.05 0.43
C2D HEM H . 5.24 -19.82 4.14
C3D HEM H . 6.17 -14.48 1.58
C3D HEM H . 5.86 -18.63 4.27
C4D HEM H . 5.65 -15.80 1.86
C4D HEM H . 5.47 -17.81 3.14
CMD HEM H . 5.85 -12.71 -0.29
CMD HEM H . 5.32 -21.02 5.08
CAD HEM H . 7.17 -13.68 2.43
CAD HEM H . 6.86 -18.23 5.36
CBD HEM H . 8.59 -14.18 2.19
CBD HEM H . 8.29 -18.48 4.84
CGD HEM H . 9.55 -13.19 2.77
CGD HEM H . 9.27 -18.39 5.98
O1D HEM H . 10.25 -12.50 1.98
O1D HEM H . 9.61 -17.23 6.39
O2D HEM H . 9.63 -13.07 4.03
O2D HEM H . 9.77 -19.42 6.48
NA HEM H . 4.65 -18.56 2.39
NA HEM H . 4.74 -16.13 0.84
NB HEM H . 2.85 -19.71 0.47
NB HEM H . 2.96 -17.20 -1.04
NC HEM H . 2.98 -17.31 -1.09
NC HEM H . 2.85 -19.59 0.45
ND HEM H . 4.78 -16.17 0.85
ND HEM H . 4.63 -18.51 2.32
FE HEM H . 3.75 -17.96 0.68
FE HEM H . 3.78 -17.84 0.66
#